data_5FRD
#
_entry.id   5FRD
#
_cell.length_a   55.070
_cell.length_b   67.200
_cell.length_c   140.570
_cell.angle_alpha   90.00
_cell.angle_beta   90.00
_cell.angle_gamma   90.00
#
_symmetry.space_group_name_H-M   'P 21 21 21'
#
loop_
_entity.id
_entity.type
_entity.pdbx_description
1 polymer 'CARBOXYLESTERASE (EST-2)'
2 non-polymer 'COENZYME A'
3 non-polymer 'CHLORIDE ION'
4 non-polymer 'TRIETHYLENE GLYCOL'
5 non-polymer 'CITRATE ANION'
6 non-polymer DI(HYDROXYETHYL)ETHER
7 water water
#
_entity_poly.entity_id   1
_entity_poly.type   'polypeptide(L)'
_entity_poly.pdbx_seq_one_letter_code
;MLERVFIDVDGVKVSLLKGRERKVFYIHSSGSDATQWVNQLTAIGGYAIDLPNHGQSDTVEVNSVDEYAYYASESLKKTV
GKAVVVGHSLGGAVAQKLYLRNPEICLALVLVGTGARLRVLPEILEGLKKEPEKAVDLMLSMAFASKGEEYEKKRREFLD
RVDVLHLDLSLCDRFDLLEDYRNGKLKIGVPTLVIVGEEDKLTPLKYHEFFHKHIPNSELVVIPGASHMVMLEKHVEFNE
ALEKFLKKVGVAEVHHHHHH
;
_entity_poly.pdbx_strand_id   A,B
#
loop_
_chem_comp.id
_chem_comp.type
_chem_comp.name
_chem_comp.formula
CL non-polymer 'CHLORIDE ION' 'Cl -1'
COA non-polymer 'COENZYME A' 'C21 H36 N7 O16 P3 S'
FLC non-polymer 'CITRATE ANION' 'C6 H5 O7 -3'
PEG non-polymer DI(HYDROXYETHYL)ETHER 'C4 H10 O3'
PGE non-polymer 'TRIETHYLENE GLYCOL' 'C6 H14 O4'
#
# COMPACT_ATOMS: atom_id res chain seq x y z
N MET A 1 25.22 20.81 -8.74
CA MET A 1 24.48 21.04 -7.45
C MET A 1 25.02 20.16 -6.31
N LEU A 2 25.34 18.89 -6.59
CA LEU A 2 25.79 18.01 -5.49
C LEU A 2 27.22 18.34 -5.07
N GLU A 3 27.49 18.06 -3.80
CA GLU A 3 28.81 18.20 -3.22
CA GLU A 3 28.80 18.22 -3.20
C GLU A 3 29.18 16.87 -2.59
N ARG A 4 30.45 16.54 -2.63
CA ARG A 4 30.97 15.39 -1.90
C ARG A 4 31.68 15.91 -0.65
N VAL A 5 31.39 15.30 0.48
CA VAL A 5 32.01 15.69 1.76
C VAL A 5 32.61 14.48 2.41
N PHE A 6 33.44 14.73 3.42
CA PHE A 6 34.12 13.68 4.17
C PHE A 6 34.00 13.99 5.64
N ILE A 7 33.79 12.95 6.42
CA ILE A 7 33.78 12.99 7.89
C ILE A 7 34.62 11.84 8.39
N ASP A 8 34.86 11.83 9.70
CA ASP A 8 35.60 10.74 10.34
CA ASP A 8 35.61 10.76 10.35
C ASP A 8 34.71 10.08 11.37
N VAL A 9 34.62 8.75 11.30
CA VAL A 9 33.95 7.96 12.31
C VAL A 9 34.96 6.98 12.93
N ASP A 10 35.41 7.31 14.16
CA ASP A 10 36.41 6.48 14.88
CA ASP A 10 36.41 6.50 14.91
C ASP A 10 37.63 6.14 14.05
N GLY A 11 38.11 7.10 13.27
CA GLY A 11 39.25 6.89 12.43
C GLY A 11 38.99 6.32 11.04
N VAL A 12 37.73 6.02 10.72
CA VAL A 12 37.33 5.53 9.40
C VAL A 12 36.79 6.76 8.65
N LYS A 13 37.43 7.07 7.52
CA LYS A 13 36.96 8.14 6.64
CA LYS A 13 36.96 8.14 6.65
C LYS A 13 35.67 7.67 5.97
N VAL A 14 34.64 8.49 6.14
CA VAL A 14 33.32 8.25 5.52
C VAL A 14 33.04 9.41 4.57
N SER A 15 32.73 9.09 3.31
CA SER A 15 32.30 10.07 2.34
C SER A 15 30.79 10.08 2.23
N LEU A 16 30.25 11.24 1.98
CA LEU A 16 28.82 11.40 1.68
C LEU A 16 28.65 12.31 0.50
N LEU A 17 27.52 12.15 -0.21
CA LEU A 17 27.07 13.13 -1.18
C LEU A 17 25.98 13.93 -0.53
N LYS A 18 25.92 15.22 -0.82
CA LYS A 18 24.96 16.12 -0.26
CA LYS A 18 24.87 16.07 -0.29
C LYS A 18 24.31 17.01 -1.34
N GLY A 19 23.00 17.18 -1.26
CA GLY A 19 22.28 18.17 -2.01
C GLY A 19 21.91 19.33 -1.15
N ARG A 20 20.78 19.97 -1.44
CA ARG A 20 20.35 21.11 -0.63
CA ARG A 20 20.33 21.10 -0.64
CA ARG A 20 20.38 21.11 -0.62
C ARG A 20 20.10 20.65 0.80
N GLU A 21 20.27 21.55 1.75
CA GLU A 21 20.10 21.19 3.15
CA GLU A 21 20.05 21.23 3.16
CA GLU A 21 20.08 21.22 3.16
C GLU A 21 18.66 20.68 3.37
N ARG A 22 18.58 19.48 3.97
CA ARG A 22 17.31 18.84 4.28
CA ARG A 22 17.34 18.85 4.31
C ARG A 22 17.61 17.70 5.26
N LYS A 23 16.67 17.44 6.18
CA LYS A 23 16.88 16.41 7.19
CA LYS A 23 16.88 16.40 7.19
C LYS A 23 16.43 15.05 6.66
N VAL A 24 17.19 14.59 5.64
CA VAL A 24 16.95 13.32 4.94
C VAL A 24 18.31 12.65 4.79
N PHE A 25 18.38 11.37 5.13
CA PHE A 25 19.61 10.61 5.15
C PHE A 25 19.39 9.28 4.42
N TYR A 26 20.13 9.06 3.32
CA TYR A 26 19.90 7.92 2.46
C TYR A 26 20.98 6.87 2.62
N ILE A 27 20.58 5.60 2.60
CA ILE A 27 21.48 4.48 2.78
C ILE A 27 21.26 3.48 1.60
N HIS A 28 22.32 3.33 0.81
CA HIS A 28 22.34 2.51 -0.41
C HIS A 28 22.33 1.01 -0.15
N SER A 29 22.21 0.25 -1.24
CA SER A 29 22.15 -1.19 -1.23
C SER A 29 23.48 -1.88 -1.51
N SER A 30 23.45 -3.21 -1.56
CA SER A 30 24.64 -4.01 -1.77
C SER A 30 25.34 -3.71 -3.09
N GLY A 31 26.67 -3.65 -3.04
CA GLY A 31 27.47 -3.38 -4.22
C GLY A 31 27.29 -2.00 -4.83
N SER A 32 26.65 -1.08 -4.09
CA SER A 32 26.32 0.25 -4.58
CA SER A 32 26.31 0.25 -4.60
C SER A 32 27.04 1.32 -3.77
N ASP A 33 26.63 2.56 -3.88
CA ASP A 33 27.22 3.66 -3.15
CA ASP A 33 27.23 3.66 -3.15
C ASP A 33 26.25 4.84 -3.16
N ALA A 34 26.67 5.98 -2.60
CA ALA A 34 25.82 7.14 -2.52
C ALA A 34 25.23 7.61 -3.83
N THR A 35 25.94 7.34 -4.94
CA THR A 35 25.47 7.77 -6.24
C THR A 35 24.15 7.13 -6.63
N GLN A 36 23.74 6.05 -5.96
CA GLN A 36 22.42 5.48 -6.16
CA GLN A 36 22.43 5.51 -6.32
C GLN A 36 21.30 6.48 -6.00
N TRP A 37 21.55 7.50 -5.17
CA TRP A 37 20.56 8.45 -4.78
C TRP A 37 20.66 9.80 -5.46
N VAL A 38 21.46 9.91 -6.53
CA VAL A 38 21.63 11.23 -7.18
CA VAL A 38 21.65 11.22 -7.17
C VAL A 38 20.33 11.91 -7.57
N ASN A 39 19.35 11.14 -8.06
CA ASN A 39 18.09 11.77 -8.48
C ASN A 39 17.26 12.31 -7.33
N GLN A 40 17.46 11.77 -6.12
CA GLN A 40 16.82 12.27 -4.93
C GLN A 40 17.61 13.43 -4.31
N LEU A 41 18.93 13.32 -4.33
CA LEU A 41 19.77 14.35 -3.74
C LEU A 41 19.58 15.68 -4.45
N THR A 42 19.45 15.64 -5.76
CA THR A 42 19.32 16.87 -6.56
C THR A 42 17.95 17.51 -6.45
N ALA A 43 16.91 16.71 -6.20
CA ALA A 43 15.55 17.23 -6.15
C ALA A 43 15.03 17.47 -4.76
N ILE A 44 15.28 16.54 -3.86
CA ILE A 44 14.77 16.57 -2.50
CA ILE A 44 14.76 16.53 -2.49
C ILE A 44 15.80 17.13 -1.54
N GLY A 45 17.07 16.79 -1.76
CA GLY A 45 18.14 17.23 -0.87
C GLY A 45 18.50 16.17 0.15
N GLY A 46 19.33 16.58 1.09
CA GLY A 46 19.79 15.71 2.15
C GLY A 46 21.20 15.18 1.92
N TYR A 47 21.53 14.12 2.64
CA TYR A 47 22.84 13.47 2.60
C TYR A 47 22.71 11.98 2.32
N ALA A 48 23.57 11.46 1.46
CA ALA A 48 23.65 10.03 1.18
C ALA A 48 25.01 9.50 1.55
N ILE A 49 25.04 8.49 2.41
CA ILE A 49 26.30 7.91 2.84
C ILE A 49 26.93 7.00 1.80
N ASP A 50 28.26 6.99 1.69
CA ASP A 50 28.98 5.83 1.13
C ASP A 50 29.32 4.94 2.32
N LEU A 51 28.67 3.80 2.52
CA LEU A 51 29.06 2.94 3.62
C LEU A 51 30.52 2.57 3.48
N PRO A 52 31.21 2.38 4.61
CA PRO A 52 32.59 1.86 4.49
C PRO A 52 32.61 0.65 3.56
N ASN A 53 33.70 0.50 2.84
CA ASN A 53 33.87 -0.49 1.76
C ASN A 53 33.23 -0.16 0.44
N HIS A 54 32.59 1.02 0.36
CA HIS A 54 31.86 1.46 -0.81
C HIS A 54 32.25 2.88 -1.16
N GLY A 55 32.10 3.22 -2.43
CA GLY A 55 32.34 4.61 -2.89
C GLY A 55 33.70 5.14 -2.50
N GLN A 56 33.71 6.34 -1.93
CA GLN A 56 34.95 6.98 -1.51
CA GLN A 56 34.96 6.97 -1.52
C GLN A 56 35.25 6.84 -0.02
N SER A 57 34.50 5.99 0.67
CA SER A 57 34.78 5.71 2.06
C SER A 57 35.94 4.72 2.22
N ASP A 58 36.55 4.74 3.38
CA ASP A 58 37.60 3.77 3.70
C ASP A 58 37.06 2.35 3.73
N THR A 59 37.98 1.42 3.54
CA THR A 59 37.75 -0.01 3.72
C THR A 59 37.97 -0.36 5.20
N VAL A 60 37.08 -1.17 5.74
CA VAL A 60 37.18 -1.65 7.12
C VAL A 60 36.38 -2.94 7.23
N GLU A 61 36.82 -3.85 8.09
CA GLU A 61 36.10 -5.10 8.30
CA GLU A 61 36.10 -5.10 8.30
C GLU A 61 34.71 -4.83 8.90
N VAL A 62 33.67 -5.37 8.26
CA VAL A 62 32.30 -5.25 8.75
C VAL A 62 31.63 -6.62 8.71
N ASN A 63 31.19 -7.08 9.88
CA ASN A 63 30.67 -8.44 10.04
CA ASN A 63 30.67 -8.45 10.05
C ASN A 63 29.16 -8.55 10.28
N SER A 64 28.47 -7.41 10.31
CA SER A 64 27.04 -7.43 10.53
C SER A 64 26.37 -6.16 10.00
N VAL A 65 25.07 -6.29 9.74
CA VAL A 65 24.23 -5.12 9.46
C VAL A 65 24.32 -4.12 10.62
N ASP A 66 24.33 -4.58 11.87
CA ASP A 66 24.47 -3.70 13.02
CA ASP A 66 24.47 -3.70 13.02
C ASP A 66 25.71 -2.80 12.97
N GLU A 67 26.85 -3.35 12.52
CA GLU A 67 28.06 -2.57 12.40
CA GLU A 67 28.07 -2.54 12.37
C GLU A 67 27.89 -1.44 11.33
N TYR A 68 27.29 -1.78 10.19
CA TYR A 68 26.99 -0.71 9.25
C TYR A 68 26.04 0.33 9.83
N ALA A 69 25.09 -0.10 10.66
CA ALA A 69 24.19 0.83 11.32
C ALA A 69 24.91 1.78 12.29
N TYR A 70 25.98 1.30 12.91
CA TYR A 70 26.81 2.17 13.72
C TYR A 70 27.44 3.26 12.86
N TYR A 71 28.08 2.90 11.75
CA TYR A 71 28.63 3.93 10.86
C TYR A 71 27.57 4.88 10.33
N ALA A 72 26.40 4.36 9.98
CA ALA A 72 25.34 5.20 9.50
C ALA A 72 24.83 6.16 10.55
N SER A 73 24.61 5.65 11.78
CA SER A 73 24.14 6.48 12.88
CA SER A 73 24.14 6.49 12.85
CA SER A 73 24.16 6.47 12.91
C SER A 73 25.11 7.61 13.23
N GLU A 74 26.39 7.28 13.34
CA GLU A 74 27.39 8.29 13.63
C GLU A 74 27.47 9.32 12.53
N SER A 75 27.34 8.86 11.28
CA SER A 75 27.39 9.78 10.16
C SER A 75 26.17 10.71 10.08
N LEU A 76 24.99 10.18 10.39
CA LEU A 76 23.80 10.96 10.46
C LEU A 76 23.94 12.02 11.54
N LYS A 77 24.36 11.61 12.73
CA LYS A 77 24.54 12.55 13.84
CA LYS A 77 24.54 12.54 13.85
C LYS A 77 25.47 13.70 13.46
N LYS A 78 26.54 13.40 12.72
CA LYS A 78 27.57 14.40 12.36
CA LYS A 78 27.57 14.39 12.36
C LYS A 78 27.19 15.30 11.20
N THR A 79 26.13 14.95 10.45
CA THR A 79 25.75 15.72 9.29
C THR A 79 24.45 16.47 9.49
N VAL A 80 23.39 15.76 9.83
CA VAL A 80 22.04 16.33 9.97
C VAL A 80 21.46 16.26 11.38
N GLY A 81 22.04 15.46 12.27
CA GLY A 81 21.59 15.39 13.66
C GLY A 81 20.45 14.43 13.85
N LYS A 82 19.34 14.75 13.20
CA LYS A 82 18.16 13.87 13.13
CA LYS A 82 18.16 13.87 13.13
C LYS A 82 17.65 13.91 11.70
N ALA A 83 17.04 12.82 11.24
CA ALA A 83 16.60 12.80 9.83
C ALA A 83 15.54 11.77 9.58
N VAL A 84 14.83 11.97 8.46
CA VAL A 84 14.11 10.90 7.82
C VAL A 84 15.16 9.97 7.22
N VAL A 85 15.14 8.71 7.59
CA VAL A 85 16.13 7.75 7.13
C VAL A 85 15.54 6.92 6.02
N VAL A 86 16.16 6.96 4.85
CA VAL A 86 15.69 6.29 3.62
C VAL A 86 16.68 5.19 3.30
N GLY A 87 16.25 3.93 3.34
CA GLY A 87 17.12 2.79 3.09
C GLY A 87 16.61 1.89 2.00
N HIS A 88 17.50 1.50 1.09
CA HIS A 88 17.21 0.59 0.00
C HIS A 88 17.85 -0.76 0.24
N SER A 89 17.05 -1.82 0.26
CA SER A 89 17.52 -3.22 0.33
C SER A 89 18.44 -3.48 1.53
N LEU A 90 19.72 -3.84 1.36
CA LEU A 90 20.66 -3.83 2.50
CA LEU A 90 20.65 -3.83 2.49
C LEU A 90 20.53 -2.54 3.30
N GLY A 91 20.45 -1.39 2.63
CA GLY A 91 20.34 -0.11 3.33
C GLY A 91 19.08 0.01 4.16
N GLY A 92 18.00 -0.68 3.75
CA GLY A 92 16.79 -0.75 4.54
C GLY A 92 16.96 -1.61 5.78
N ALA A 93 17.77 -2.64 5.70
CA ALA A 93 18.14 -3.45 6.89
C ALA A 93 18.95 -2.58 7.84
N VAL A 94 19.92 -1.85 7.30
CA VAL A 94 20.72 -0.91 8.08
C VAL A 94 19.81 0.13 8.72
N ALA A 95 18.84 0.67 7.99
CA ALA A 95 17.89 1.62 8.54
C ALA A 95 17.10 1.06 9.72
N GLN A 96 16.63 -0.18 9.59
CA GLN A 96 15.87 -0.80 10.68
C GLN A 96 16.76 -0.95 11.91
N LYS A 97 17.99 -1.44 11.77
CA LYS A 97 18.90 -1.57 12.89
CA LYS A 97 18.89 -1.57 12.90
C LYS A 97 19.27 -0.21 13.48
N LEU A 98 19.43 0.80 12.64
CA LEU A 98 19.68 2.15 13.09
C LEU A 98 18.54 2.66 13.97
N TYR A 99 17.31 2.46 13.53
CA TYR A 99 16.15 2.86 14.31
C TYR A 99 16.12 2.14 15.65
N LEU A 100 16.38 0.85 15.66
CA LEU A 100 16.33 0.08 16.91
CA LEU A 100 16.30 0.09 16.93
C LEU A 100 17.39 0.48 17.92
N ARG A 101 18.58 0.86 17.45
CA ARG A 101 19.70 1.28 18.29
CA ARG A 101 19.70 1.27 18.30
CA ARG A 101 19.70 1.28 18.29
C ARG A 101 19.63 2.74 18.70
N ASN A 102 19.13 3.59 17.81
CA ASN A 102 19.14 5.04 17.98
C ASN A 102 17.82 5.67 17.49
N PRO A 103 16.69 5.32 18.14
CA PRO A 103 15.40 5.83 17.68
C PRO A 103 15.29 7.34 17.72
N GLU A 104 16.03 7.98 18.62
CA GLU A 104 15.98 9.40 18.81
CA GLU A 104 15.90 9.43 18.78
C GLU A 104 16.42 10.22 17.60
N ILE A 105 17.27 9.61 16.76
CA ILE A 105 17.79 10.34 15.58
C ILE A 105 16.93 10.15 14.33
N CYS A 106 15.89 9.32 14.42
CA CYS A 106 14.99 9.03 13.31
CA CYS A 106 14.98 8.98 13.32
C CYS A 106 13.70 9.80 13.43
N LEU A 107 13.48 10.72 12.52
CA LEU A 107 12.24 11.44 12.46
C LEU A 107 11.15 10.60 11.79
N ALA A 108 11.59 9.72 10.89
CA ALA A 108 10.68 8.85 10.12
C ALA A 108 11.56 7.87 9.36
N LEU A 109 10.96 6.80 8.84
CA LEU A 109 11.65 5.76 8.09
C LEU A 109 11.05 5.65 6.71
N VAL A 110 11.87 5.46 5.69
CA VAL A 110 11.41 5.19 4.34
C VAL A 110 12.12 3.91 3.96
N LEU A 111 11.36 2.83 3.83
CA LEU A 111 11.85 1.50 3.57
C LEU A 111 11.56 1.20 2.10
N VAL A 112 12.60 1.10 1.31
CA VAL A 112 12.51 0.98 -0.14
C VAL A 112 13.10 -0.35 -0.57
N GLY A 113 12.32 -1.19 -1.26
CA GLY A 113 12.87 -2.43 -1.79
C GLY A 113 13.67 -3.19 -0.74
N THR A 114 13.05 -3.49 0.40
CA THR A 114 13.73 -4.12 1.49
C THR A 114 12.83 -5.10 2.19
N GLY A 115 13.19 -5.54 3.39
CA GLY A 115 12.45 -6.59 4.06
C GLY A 115 12.92 -6.76 5.48
N ALA A 116 12.09 -7.43 6.26
CA ALA A 116 12.45 -7.83 7.63
C ALA A 116 13.38 -9.01 7.71
N ARG A 117 13.56 -9.70 6.60
CA ARG A 117 14.46 -10.82 6.42
C ARG A 117 14.88 -10.79 4.95
N LEU A 118 16.18 -10.97 4.70
CA LEU A 118 16.73 -10.78 3.35
C LEU A 118 17.57 -11.95 2.88
N ARG A 119 17.01 -13.15 2.99
CA ARG A 119 17.66 -14.30 2.41
C ARG A 119 17.95 -14.07 0.92
N VAL A 120 19.10 -14.55 0.49
CA VAL A 120 19.54 -14.41 -0.89
C VAL A 120 19.52 -15.78 -1.61
N LEU A 121 18.97 -15.78 -2.81
CA LEU A 121 18.95 -17.00 -3.63
CA LEU A 121 18.92 -16.99 -3.64
C LEU A 121 20.33 -17.60 -3.69
N PRO A 122 20.48 -18.89 -3.29
CA PRO A 122 21.80 -19.52 -3.38
C PRO A 122 22.46 -19.47 -4.77
N GLU A 123 21.66 -19.52 -5.82
CA GLU A 123 22.18 -19.35 -7.20
C GLU A 123 22.87 -17.99 -7.44
N ILE A 124 22.45 -16.95 -6.71
CA ILE A 124 23.15 -15.66 -6.75
C ILE A 124 24.35 -15.76 -5.81
N LEU A 125 24.10 -16.05 -4.54
CA LEU A 125 25.11 -15.88 -3.52
C LEU A 125 26.30 -16.83 -3.73
N GLU A 126 26.02 -18.09 -4.04
CA GLU A 126 27.08 -19.09 -4.31
CA GLU A 126 27.08 -19.08 -4.32
C GLU A 126 27.60 -18.93 -5.76
N GLY A 127 26.74 -18.47 -6.67
CA GLY A 127 27.11 -18.25 -8.06
C GLY A 127 28.17 -17.15 -8.24
N LEU A 128 28.25 -16.21 -7.30
CA LEU A 128 29.23 -15.13 -7.42
C LEU A 128 30.69 -15.54 -7.23
N LYS A 129 30.94 -16.67 -6.55
CA LYS A 129 32.30 -17.16 -6.31
CA LYS A 129 32.30 -17.17 -6.30
C LYS A 129 32.78 -17.95 -7.51
N LYS A 130 31.86 -18.60 -8.20
CA LYS A 130 32.20 -19.49 -9.33
CA LYS A 130 32.18 -19.50 -9.31
C LYS A 130 32.08 -18.85 -10.70
N GLU A 131 30.93 -18.25 -10.99
CA GLU A 131 30.66 -17.65 -12.31
CA GLU A 131 30.62 -17.68 -12.29
C GLU A 131 29.92 -16.33 -12.10
N PRO A 132 30.69 -15.29 -11.70
CA PRO A 132 29.94 -14.08 -11.29
C PRO A 132 29.10 -13.44 -12.36
N GLU A 133 29.45 -13.52 -13.64
CA GLU A 133 28.60 -12.89 -14.64
C GLU A 133 27.19 -13.45 -14.65
N LYS A 134 27.07 -14.76 -14.53
CA LYS A 134 25.75 -15.40 -14.53
CA LYS A 134 25.75 -15.41 -14.53
C LYS A 134 24.94 -14.99 -13.30
N ALA A 135 25.62 -14.89 -12.15
CA ALA A 135 24.96 -14.53 -10.90
C ALA A 135 24.50 -13.08 -10.96
N VAL A 136 25.36 -12.22 -11.47
CA VAL A 136 25.04 -10.80 -11.61
C VAL A 136 23.86 -10.65 -12.56
N ASP A 137 23.88 -11.32 -13.72
CA ASP A 137 22.78 -11.24 -14.63
C ASP A 137 21.45 -11.74 -14.04
N LEU A 138 21.51 -12.79 -13.23
CA LEU A 138 20.31 -13.29 -12.56
C LEU A 138 19.76 -12.28 -11.55
N MET A 139 20.65 -11.75 -10.71
CA MET A 139 20.23 -10.73 -9.75
C MET A 139 19.63 -9.52 -10.47
N LEU A 140 20.28 -9.04 -11.52
CA LEU A 140 19.78 -7.84 -12.18
C LEU A 140 18.52 -8.05 -13.00
N SER A 141 18.29 -9.29 -13.47
CA SER A 141 17.03 -9.62 -14.10
C SER A 141 15.84 -9.48 -13.14
N MET A 142 16.12 -9.58 -11.84
CA MET A 142 15.13 -9.47 -10.78
C MET A 142 15.05 -8.07 -10.17
N ALA A 143 15.90 -7.17 -10.69
CA ALA A 143 16.06 -5.80 -10.14
C ALA A 143 15.66 -4.66 -11.06
N PHE A 144 15.54 -4.92 -12.36
CA PHE A 144 15.19 -3.91 -13.36
C PHE A 144 14.01 -4.40 -14.15
N ALA A 145 13.12 -3.47 -14.47
CA ALA A 145 11.97 -3.79 -15.33
C ALA A 145 12.37 -3.84 -16.79
N SER A 146 13.47 -3.17 -17.14
CA SER A 146 13.92 -3.14 -18.52
C SER A 146 15.43 -3.11 -18.54
N LYS A 147 16.02 -3.56 -19.65
N LYS A 147 16.02 -3.53 -19.67
CA LYS A 147 17.43 -3.38 -19.86
CA LYS A 147 17.46 -3.48 -19.89
C LYS A 147 17.52 -1.95 -20.36
C LYS A 147 17.95 -2.26 -20.63
N GLY A 148 18.72 -1.50 -20.68
N GLY A 148 17.95 -1.10 -20.00
CA GLY A 148 18.88 -0.09 -20.97
CA GLY A 148 18.53 0.05 -20.65
C GLY A 148 20.04 0.44 -20.18
C GLY A 148 19.87 0.47 -20.06
N GLU A 149 20.23 1.75 -20.22
N GLU A 149 20.13 1.76 -20.17
CA GLU A 149 21.46 2.33 -19.74
CA GLU A 149 21.42 2.30 -19.74
C GLU A 149 21.68 2.09 -18.26
C GLU A 149 21.67 2.07 -18.26
N GLU A 150 20.64 2.23 -17.43
CA GLU A 150 20.81 2.04 -15.98
CA GLU A 150 20.81 2.04 -15.98
C GLU A 150 21.18 0.59 -15.66
N TYR A 151 20.50 -0.36 -16.30
CA TYR A 151 20.82 -1.79 -16.17
C TYR A 151 22.27 -2.06 -16.55
N GLU A 152 22.68 -1.55 -17.73
CA GLU A 152 24.03 -1.82 -18.22
CA GLU A 152 24.02 -1.83 -18.22
C GLU A 152 25.10 -1.25 -17.30
N LYS A 153 24.86 -0.04 -16.81
CA LYS A 153 25.81 0.56 -15.89
CA LYS A 153 25.79 0.58 -15.89
C LYS A 153 25.92 -0.23 -14.59
N LYS A 154 24.78 -0.63 -14.03
CA LYS A 154 24.81 -1.36 -12.77
CA LYS A 154 24.80 -1.35 -12.75
C LYS A 154 25.46 -2.72 -12.93
N ARG A 155 25.23 -3.35 -14.10
CA ARG A 155 25.88 -4.60 -14.39
C ARG A 155 27.41 -4.48 -14.39
N ARG A 156 27.93 -3.42 -15.02
CA ARG A 156 29.36 -3.21 -14.99
C ARG A 156 29.90 -2.92 -13.59
N GLU A 157 29.15 -2.11 -12.85
CA GLU A 157 29.51 -1.85 -11.45
C GLU A 157 29.61 -3.14 -10.65
N PHE A 158 28.60 -3.99 -10.78
CA PHE A 158 28.61 -5.26 -10.04
C PHE A 158 29.79 -6.15 -10.45
N LEU A 159 30.07 -6.20 -11.77
CA LEU A 159 31.23 -6.99 -12.22
C LEU A 159 32.55 -6.45 -11.68
N ASP A 160 32.62 -5.14 -11.47
CA ASP A 160 33.78 -4.48 -10.86
C ASP A 160 33.87 -4.58 -9.32
N ARG A 161 32.78 -5.03 -8.71
CA ARG A 161 32.69 -5.05 -7.23
C ARG A 161 32.21 -6.39 -6.71
N VAL A 162 32.58 -7.49 -7.36
CA VAL A 162 32.03 -8.79 -6.98
C VAL A 162 32.34 -9.14 -5.54
N ASP A 163 33.55 -8.86 -5.07
CA ASP A 163 33.94 -9.25 -3.73
C ASP A 163 33.11 -8.52 -2.68
N VAL A 164 32.97 -7.20 -2.80
CA VAL A 164 32.14 -6.44 -1.86
CA VAL A 164 32.14 -6.43 -1.86
C VAL A 164 30.66 -6.79 -2.02
N LEU A 165 30.19 -7.03 -3.23
CA LEU A 165 28.82 -7.43 -3.44
C LEU A 165 28.53 -8.72 -2.70
N HIS A 166 29.43 -9.69 -2.79
CA HIS A 166 29.23 -10.95 -2.10
C HIS A 166 29.26 -10.75 -0.57
N LEU A 167 30.16 -9.92 -0.06
CA LEU A 167 30.18 -9.63 1.38
C LEU A 167 28.87 -9.01 1.83
N ASP A 168 28.39 -8.03 1.09
CA ASP A 168 27.15 -7.33 1.43
C ASP A 168 25.97 -8.29 1.40
N LEU A 169 25.85 -9.11 0.37
CA LEU A 169 24.75 -10.06 0.24
C LEU A 169 24.83 -11.12 1.33
N SER A 170 26.01 -11.51 1.74
CA SER A 170 26.15 -12.42 2.87
CA SER A 170 26.16 -12.43 2.87
C SER A 170 25.60 -11.82 4.16
N LEU A 171 25.77 -10.50 4.34
CA LEU A 171 25.18 -9.84 5.50
C LEU A 171 23.68 -9.81 5.39
N CYS A 172 23.14 -9.54 4.21
CA CYS A 172 21.70 -9.64 3.97
C CYS A 172 21.15 -11.02 4.31
N ASP A 173 21.89 -12.03 3.88
CA ASP A 173 21.42 -13.41 4.05
C ASP A 173 21.29 -13.79 5.52
N ARG A 174 22.04 -13.15 6.38
CA ARG A 174 22.00 -13.39 7.83
CA ARG A 174 22.00 -13.40 7.83
C ARG A 174 21.08 -12.43 8.58
N PHE A 175 20.48 -11.47 7.88
CA PHE A 175 19.62 -10.50 8.50
C PHE A 175 18.21 -11.05 8.67
N ASP A 176 17.71 -11.01 9.90
CA ASP A 176 16.40 -11.59 10.22
C ASP A 176 15.79 -10.94 11.45
N LEU A 177 14.79 -10.09 11.22
CA LEU A 177 13.97 -9.51 12.26
C LEU A 177 12.51 -9.99 12.16
N LEU A 178 12.24 -11.00 11.34
CA LEU A 178 10.85 -11.30 10.94
C LEU A 178 9.97 -11.65 12.17
N GLU A 179 10.43 -12.57 12.98
CA GLU A 179 9.63 -13.02 14.13
CA GLU A 179 9.63 -13.02 14.13
C GLU A 179 9.46 -11.91 15.15
N ASP A 180 10.47 -11.05 15.31
CA ASP A 180 10.37 -9.92 16.22
C ASP A 180 9.27 -8.94 15.81
N TYR A 181 9.08 -8.73 14.50
CA TYR A 181 7.92 -8.00 14.05
C TYR A 181 6.63 -8.81 14.32
N ARG A 182 6.64 -10.08 13.95
CA ARG A 182 5.43 -10.93 14.01
CA ARG A 182 5.44 -10.93 14.02
C ARG A 182 4.88 -11.03 15.44
N ASN A 183 5.78 -11.17 16.41
CA ASN A 183 5.37 -11.39 17.81
C ASN A 183 5.19 -10.11 18.60
N GLY A 184 5.31 -8.99 17.92
CA GLY A 184 4.97 -7.71 18.48
C GLY A 184 6.03 -7.10 19.35
N LYS A 185 7.23 -7.69 19.45
CA LYS A 185 8.31 -7.16 20.30
CA LYS A 185 8.27 -7.15 20.31
C LYS A 185 8.94 -5.92 19.69
N LEU A 186 9.12 -5.96 18.37
CA LEU A 186 9.70 -4.88 17.62
C LEU A 186 8.59 -3.92 17.26
N LYS A 187 8.71 -2.69 17.73
CA LYS A 187 7.68 -1.69 17.47
C LYS A 187 8.35 -0.56 16.75
N ILE A 188 7.79 -0.14 15.61
CA ILE A 188 8.26 1.05 14.94
CA ILE A 188 8.25 1.05 14.92
C ILE A 188 7.25 2.15 15.27
N GLY A 189 7.71 3.15 16.01
N GLY A 189 7.72 3.14 16.02
CA GLY A 189 6.84 4.21 16.50
CA GLY A 189 6.88 4.22 16.52
C GLY A 189 6.80 5.48 15.67
C GLY A 189 7.12 5.57 15.89
N VAL A 190 7.67 5.58 14.67
CA VAL A 190 7.74 6.77 13.84
C VAL A 190 6.95 6.59 12.55
N PRO A 191 6.59 7.68 11.88
CA PRO A 191 5.94 7.55 10.58
C PRO A 191 6.85 6.81 9.63
N THR A 192 6.26 5.97 8.80
CA THR A 192 6.99 5.11 7.89
C THR A 192 6.33 5.18 6.51
N LEU A 193 7.16 5.25 5.49
CA LEU A 193 6.74 5.14 4.09
C LEU A 193 7.40 3.91 3.54
N VAL A 194 6.61 3.04 2.90
CA VAL A 194 7.12 1.78 2.38
C VAL A 194 6.94 1.83 0.87
N ILE A 195 8.02 1.72 0.11
CA ILE A 195 8.00 1.90 -1.33
C ILE A 195 8.57 0.68 -2.01
N VAL A 196 7.87 0.16 -3.04
CA VAL A 196 8.40 -0.94 -3.81
C VAL A 196 7.98 -0.75 -5.25
N GLY A 197 8.87 -1.11 -6.18
CA GLY A 197 8.51 -1.17 -7.57
C GLY A 197 7.58 -2.36 -7.79
N GLU A 198 6.57 -2.16 -8.63
CA GLU A 198 5.57 -3.21 -8.87
C GLU A 198 6.19 -4.52 -9.36
N GLU A 199 7.31 -4.46 -10.09
CA GLU A 199 7.93 -5.64 -10.69
CA GLU A 199 7.94 -5.63 -10.70
C GLU A 199 9.09 -6.22 -9.87
N ASP A 200 9.35 -5.68 -8.67
CA ASP A 200 10.52 -6.11 -7.89
C ASP A 200 10.44 -7.60 -7.52
N LYS A 201 11.45 -8.37 -7.90
CA LYS A 201 11.51 -9.80 -7.58
CA LYS A 201 11.50 -9.80 -7.57
C LYS A 201 12.54 -10.14 -6.51
N LEU A 202 13.41 -9.19 -6.16
CA LEU A 202 14.37 -9.42 -5.10
C LEU A 202 13.72 -9.22 -3.73
N THR A 203 12.91 -8.16 -3.62
CA THR A 203 12.20 -7.84 -2.40
C THR A 203 10.77 -7.54 -2.85
N PRO A 204 9.95 -8.59 -2.96
CA PRO A 204 8.67 -8.43 -3.65
C PRO A 204 7.59 -7.75 -2.80
N LEU A 205 6.41 -7.60 -3.39
CA LEU A 205 5.31 -6.93 -2.74
C LEU A 205 5.04 -7.45 -1.34
N LYS A 206 5.05 -8.76 -1.14
CA LYS A 206 4.73 -9.30 0.18
CA LYS A 206 4.74 -9.35 0.16
C LYS A 206 5.66 -8.83 1.26
N TYR A 207 6.93 -8.56 0.93
CA TYR A 207 7.84 -8.05 1.96
C TYR A 207 7.39 -6.67 2.44
N HIS A 208 6.80 -5.89 1.53
CA HIS A 208 6.39 -4.52 1.80
C HIS A 208 5.01 -4.47 2.45
N GLU A 209 4.12 -5.35 2.02
CA GLU A 209 2.87 -5.52 2.77
C GLU A 209 3.14 -6.01 4.19
N PHE A 210 4.20 -6.79 4.40
CA PHE A 210 4.54 -7.26 5.76
C PHE A 210 4.85 -6.05 6.64
N PHE A 211 5.71 -5.16 6.18
CA PHE A 211 5.95 -3.93 6.94
C PHE A 211 4.69 -3.12 7.18
N HIS A 212 3.88 -2.96 6.14
CA HIS A 212 2.68 -2.15 6.21
C HIS A 212 1.69 -2.71 7.23
N LYS A 213 1.58 -4.03 7.33
CA LYS A 213 0.71 -4.68 8.31
CA LYS A 213 0.70 -4.65 8.31
C LYS A 213 1.19 -4.47 9.74
N HIS A 214 2.51 -4.46 9.94
CA HIS A 214 3.11 -4.48 11.30
C HIS A 214 3.58 -3.15 11.82
N ILE A 215 3.49 -2.12 11.01
CA ILE A 215 3.86 -0.77 11.40
CA ILE A 215 3.87 -0.78 11.41
C ILE A 215 2.61 0.11 11.41
N PRO A 216 2.19 0.62 12.60
CA PRO A 216 0.90 1.33 12.62
C PRO A 216 0.79 2.56 11.75
N ASN A 217 1.78 3.45 11.81
CA ASN A 217 1.74 4.66 11.03
C ASN A 217 2.60 4.45 9.79
N SER A 218 2.18 3.55 8.91
CA SER A 218 2.87 3.35 7.64
C SER A 218 1.94 3.56 6.49
N GLU A 219 2.49 3.99 5.36
CA GLU A 219 1.77 4.09 4.11
CA GLU A 219 1.77 4.09 4.10
C GLU A 219 2.57 3.29 3.09
N LEU A 220 1.87 2.57 2.21
CA LEU A 220 2.49 1.75 1.18
C LEU A 220 2.28 2.40 -0.17
N VAL A 221 3.36 2.52 -0.96
CA VAL A 221 3.33 3.04 -2.31
C VAL A 221 4.00 2.04 -3.22
N VAL A 222 3.24 1.47 -4.13
CA VAL A 222 3.74 0.58 -5.14
C VAL A 222 3.86 1.44 -6.40
N ILE A 223 5.04 1.42 -7.01
CA ILE A 223 5.30 2.26 -8.20
CA ILE A 223 5.31 2.27 -8.18
C ILE A 223 5.28 1.42 -9.45
N PRO A 224 4.30 1.67 -10.34
CA PRO A 224 4.25 0.88 -11.56
C PRO A 224 5.45 1.06 -12.50
N GLY A 225 5.79 0.01 -13.25
CA GLY A 225 6.84 0.08 -14.24
C GLY A 225 8.26 0.16 -13.72
N ALA A 226 8.42 -0.10 -12.42
CA ALA A 226 9.73 -0.19 -11.79
C ALA A 226 9.87 -1.52 -11.10
N SER A 227 11.11 -1.94 -10.93
CA SER A 227 11.44 -3.14 -10.19
C SER A 227 12.19 -2.71 -8.93
N HIS A 228 13.19 -3.44 -8.52
CA HIS A 228 13.96 -3.18 -7.30
C HIS A 228 14.62 -1.82 -7.31
N MET A 229 15.11 -1.38 -8.46
CA MET A 229 15.86 -0.10 -8.56
C MET A 229 14.96 1.11 -8.82
N VAL A 230 13.86 1.17 -8.08
CA VAL A 230 12.79 2.14 -8.28
C VAL A 230 13.24 3.60 -8.24
N MET A 231 14.21 3.93 -7.38
CA MET A 231 14.67 5.32 -7.25
C MET A 231 15.44 5.80 -8.47
N LEU A 232 15.99 4.86 -9.24
CA LEU A 232 16.69 5.13 -10.50
C LEU A 232 15.78 4.97 -11.70
N GLU A 233 14.86 4.01 -11.64
CA GLU A 233 14.03 3.68 -12.82
C GLU A 233 12.85 4.62 -12.99
N LYS A 234 12.29 5.06 -11.89
CA LYS A 234 11.11 5.93 -11.86
C LYS A 234 11.36 7.03 -10.84
N HIS A 235 12.43 7.78 -11.08
CA HIS A 235 12.81 8.77 -10.07
C HIS A 235 11.83 9.89 -9.85
N VAL A 236 11.11 10.32 -10.88
CA VAL A 236 10.16 11.37 -10.70
C VAL A 236 8.99 10.94 -9.83
N GLU A 237 8.49 9.71 -10.05
CA GLU A 237 7.41 9.13 -9.25
C GLU A 237 7.86 8.85 -7.83
N PHE A 238 9.07 8.35 -7.71
CA PHE A 238 9.64 8.11 -6.39
C PHE A 238 9.75 9.42 -5.61
N ASN A 239 10.28 10.44 -6.26
CA ASN A 239 10.47 11.71 -5.60
C ASN A 239 9.16 12.34 -5.20
N GLU A 240 8.14 12.22 -6.05
CA GLU A 240 6.85 12.79 -5.71
C GLU A 240 6.26 12.15 -4.45
N ALA A 241 6.37 10.82 -4.35
CA ALA A 241 5.89 10.10 -3.18
C ALA A 241 6.66 10.51 -1.93
N LEU A 242 7.99 10.58 -2.06
CA LEU A 242 8.83 10.97 -0.92
C LEU A 242 8.54 12.38 -0.47
N GLU A 243 8.41 13.30 -1.42
CA GLU A 243 8.11 14.70 -1.07
CA GLU A 243 8.10 14.70 -1.10
C GLU A 243 6.78 14.86 -0.36
N LYS A 244 5.75 14.14 -0.80
CA LYS A 244 4.46 14.16 -0.14
CA LYS A 244 4.45 14.13 -0.14
C LYS A 244 4.60 13.69 1.32
N PHE A 245 5.37 12.64 1.53
CA PHE A 245 5.61 12.12 2.88
C PHE A 245 6.42 13.09 3.75
N LEU A 246 7.44 13.71 3.17
CA LEU A 246 8.24 14.69 3.91
C LEU A 246 7.37 15.85 4.38
N LYS A 247 6.43 16.29 3.53
CA LYS A 247 5.51 17.34 3.93
CA LYS A 247 5.43 17.33 3.94
C LYS A 247 4.63 16.88 5.12
N LYS A 248 4.15 15.65 5.06
CA LYS A 248 3.35 15.06 6.12
CA LYS A 248 3.34 15.06 6.13
C LYS A 248 4.08 15.04 7.46
N VAL A 249 5.35 14.68 7.44
CA VAL A 249 6.17 14.62 8.66
CA VAL A 249 6.15 14.64 8.68
C VAL A 249 6.72 16.00 9.08
N GLY A 250 6.63 17.01 8.24
CA GLY A 250 7.11 18.36 8.59
C GLY A 250 8.58 18.65 8.35
N VAL A 251 9.20 17.91 7.43
CA VAL A 251 10.57 18.13 7.10
C VAL A 251 10.50 19.05 5.91
N ALA A 252 10.60 20.33 6.31
CA ALA A 252 10.33 21.48 5.47
C ALA A 252 11.41 21.64 4.43
N GLU A 253 11.05 22.42 3.41
CA GLU A 253 11.80 22.41 2.16
CA GLU A 253 11.77 22.48 2.14
C GLU A 253 13.05 23.30 2.22
N VAL A 254 12.98 24.40 2.99
CA VAL A 254 14.08 25.38 3.21
C VAL A 254 14.86 25.85 1.95
N HIS A 255 14.13 26.42 0.99
CA HIS A 255 14.72 26.97 -0.24
C HIS A 255 15.48 28.28 0.06
N HIS A 256 16.53 28.53 -0.72
CA HIS A 256 17.42 29.67 -0.55
C HIS A 256 18.13 29.66 0.81
N MET B 1 -21.43 -20.46 11.55
CA MET B 1 -20.03 -19.97 11.56
C MET B 1 -19.94 -18.46 11.81
N LEU B 2 -20.79 -17.67 11.18
CA LEU B 2 -20.66 -16.21 11.31
C LEU B 2 -21.09 -15.72 12.69
N GLU B 3 -20.45 -14.64 13.12
CA GLU B 3 -20.70 -14.01 14.42
CA GLU B 3 -20.73 -14.02 14.41
C GLU B 3 -21.04 -12.55 14.17
N ARG B 4 -21.94 -12.01 14.97
CA ARG B 4 -22.27 -10.61 14.94
C ARG B 4 -21.62 -9.96 16.14
N VAL B 5 -20.98 -8.82 15.90
CA VAL B 5 -20.33 -8.04 16.95
C VAL B 5 -20.79 -6.60 16.90
N PHE B 6 -20.54 -5.87 17.98
CA PHE B 6 -20.93 -4.49 18.13
C PHE B 6 -19.78 -3.69 18.68
N ILE B 7 -19.61 -2.49 18.15
CA ILE B 7 -18.62 -1.52 18.61
C ILE B 7 -19.28 -0.16 18.74
N ASP B 8 -18.55 0.81 19.31
CA ASP B 8 -19.04 2.16 19.43
CA ASP B 8 -19.01 2.18 19.51
C ASP B 8 -18.13 3.10 18.68
N VAL B 9 -18.71 3.95 17.85
CA VAL B 9 -17.98 5.00 17.15
C VAL B 9 -18.59 6.34 17.50
N ASP B 10 -17.92 7.09 18.39
CA ASP B 10 -18.41 8.39 18.86
C ASP B 10 -19.86 8.36 19.36
N GLY B 11 -20.21 7.30 20.07
CA GLY B 11 -21.56 7.12 20.59
C GLY B 11 -22.57 6.48 19.65
N VAL B 12 -22.16 6.17 18.42
CA VAL B 12 -23.01 5.48 17.46
C VAL B 12 -22.65 3.99 17.53
N LYS B 13 -23.65 3.16 17.83
CA LYS B 13 -23.46 1.71 17.84
CA LYS B 13 -23.48 1.72 17.84
C LYS B 13 -23.36 1.23 16.40
N VAL B 14 -22.25 0.52 16.12
CA VAL B 14 -21.99 -0.05 14.78
C VAL B 14 -21.92 -1.56 14.94
N SER B 15 -22.73 -2.28 14.17
CA SER B 15 -22.68 -3.73 14.13
C SER B 15 -21.83 -4.17 12.95
N LEU B 16 -21.15 -5.29 13.12
CA LEU B 16 -20.43 -5.97 12.02
C LEU B 16 -20.68 -7.47 12.07
N LEU B 17 -20.61 -8.12 10.92
CA LEU B 17 -20.59 -9.58 10.82
CA LEU B 17 -20.63 -9.56 10.83
C LEU B 17 -19.16 -9.99 10.59
N LYS B 18 -18.75 -11.10 11.19
CA LYS B 18 -17.42 -11.61 11.00
C LYS B 18 -17.41 -13.09 10.74
N GLY B 19 -16.54 -13.52 9.84
CA GLY B 19 -16.17 -14.91 9.67
C GLY B 19 -14.84 -15.18 10.36
N ARG B 20 -14.05 -16.08 9.80
CA ARG B 20 -12.74 -16.36 10.39
CA ARG B 20 -12.72 -16.37 10.35
C ARG B 20 -11.89 -15.09 10.34
N GLU B 21 -10.97 -14.94 11.30
CA GLU B 21 -10.11 -13.78 11.37
CA GLU B 21 -10.09 -13.79 11.39
C GLU B 21 -9.31 -13.66 10.08
N ARG B 22 -9.41 -12.50 9.47
CA ARG B 22 -8.70 -12.21 8.24
CA ARG B 22 -8.67 -12.21 8.26
C ARG B 22 -8.74 -10.72 8.07
N LYS B 23 -7.69 -10.14 7.50
CA LYS B 23 -7.60 -8.68 7.35
CA LYS B 23 -7.54 -8.71 7.31
C LYS B 23 -8.29 -8.22 6.07
N VAL B 24 -9.62 -8.40 6.07
CA VAL B 24 -10.52 -8.06 4.95
C VAL B 24 -11.70 -7.37 5.56
N PHE B 25 -12.07 -6.24 5.01
CA PHE B 25 -13.12 -5.37 5.52
C PHE B 25 -14.05 -5.02 4.37
N TYR B 26 -15.32 -5.45 4.46
CA TYR B 26 -16.28 -5.33 3.39
C TYR B 26 -17.28 -4.22 3.69
N ILE B 27 -17.61 -3.45 2.66
CA ILE B 27 -18.54 -2.32 2.75
C ILE B 27 -19.62 -2.48 1.68
N HIS B 28 -20.85 -2.69 2.16
CA HIS B 28 -22.04 -2.93 1.36
C HIS B 28 -22.54 -1.71 0.56
N SER B 29 -23.54 -1.97 -0.29
CA SER B 29 -24.15 -0.98 -1.15
C SER B 29 -25.44 -0.35 -0.59
N SER B 30 -26.06 0.51 -1.40
CA SER B 30 -27.28 1.21 -0.99
C SER B 30 -28.41 0.26 -0.64
N GLY B 31 -29.10 0.58 0.44
CA GLY B 31 -30.26 -0.21 0.85
C GLY B 31 -29.92 -1.59 1.32
N SER B 32 -28.63 -1.88 1.52
CA SER B 32 -28.19 -3.21 1.88
CA SER B 32 -28.18 -3.22 1.87
C SER B 32 -27.60 -3.22 3.27
N ASP B 33 -26.88 -4.29 3.63
CA ASP B 33 -26.27 -4.40 4.93
CA ASP B 33 -26.28 -4.42 4.93
C ASP B 33 -25.17 -5.47 4.86
N ALA B 34 -24.54 -5.76 6.00
CA ALA B 34 -23.43 -6.71 6.05
C ALA B 34 -23.75 -8.08 5.47
N THR B 35 -25.03 -8.49 5.55
CA THR B 35 -25.41 -9.80 5.03
C THR B 35 -25.22 -9.96 3.54
N GLN B 36 -25.02 -8.87 2.80
CA GLN B 36 -24.75 -9.04 1.39
CA GLN B 36 -24.65 -8.91 1.40
C GLN B 36 -23.43 -9.79 1.14
N TRP B 37 -22.56 -9.86 2.15
CA TRP B 37 -21.27 -10.48 2.03
C TRP B 37 -21.18 -11.88 2.63
N VAL B 38 -22.33 -12.47 3.01
CA VAL B 38 -22.26 -13.77 3.70
CA VAL B 38 -22.28 -13.77 3.70
C VAL B 38 -21.45 -14.83 2.95
N ASN B 39 -21.52 -14.88 1.62
CA ASN B 39 -20.79 -15.89 0.87
C ASN B 39 -19.28 -15.69 0.95
N GLN B 40 -18.85 -14.45 1.15
CA GLN B 40 -17.45 -14.12 1.27
C GLN B 40 -17.01 -14.34 2.71
N LEU B 41 -17.85 -13.95 3.66
CA LEU B 41 -17.51 -14.09 5.08
C LEU B 41 -17.26 -15.54 5.47
N THR B 42 -18.07 -16.43 4.91
CA THR B 42 -17.95 -17.86 5.24
C THR B 42 -16.78 -18.53 4.51
N ALA B 43 -16.45 -18.15 3.30
CA ALA B 43 -15.37 -18.77 2.52
C ALA B 43 -13.99 -18.13 2.73
N ILE B 44 -13.97 -16.81 2.78
CA ILE B 44 -12.74 -16.02 2.85
CA ILE B 44 -12.73 -16.05 2.85
C ILE B 44 -12.47 -15.53 4.27
N GLY B 45 -13.51 -15.09 4.98
CA GLY B 45 -13.37 -14.50 6.30
C GLY B 45 -13.36 -12.99 6.28
N GLY B 46 -13.07 -12.40 7.42
CA GLY B 46 -13.01 -10.96 7.58
C GLY B 46 -14.23 -10.39 8.27
N TYR B 47 -14.40 -9.08 8.16
CA TYR B 47 -15.43 -8.31 8.82
C TYR B 47 -16.19 -7.51 7.82
N ALA B 48 -17.52 -7.54 7.90
CA ALA B 48 -18.40 -6.74 7.06
C ALA B 48 -19.15 -5.77 7.96
N ILE B 49 -19.04 -4.49 7.68
CA ILE B 49 -19.75 -3.46 8.44
C ILE B 49 -21.24 -3.36 8.08
N ASP B 50 -22.11 -3.12 9.06
CA ASP B 50 -23.44 -2.50 8.79
C ASP B 50 -23.21 -0.99 8.90
N LEU B 51 -23.21 -0.23 7.80
CA LEU B 51 -23.09 1.22 7.93
C LEU B 51 -24.21 1.74 8.81
N PRO B 52 -23.95 2.82 9.57
CA PRO B 52 -25.07 3.44 10.29
C PRO B 52 -26.23 3.63 9.34
N ASN B 53 -27.44 3.50 9.87
CA ASN B 53 -28.70 3.50 9.14
C ASN B 53 -29.06 2.18 8.47
N HIS B 54 -28.21 1.17 8.59
CA HIS B 54 -28.37 -0.12 7.96
C HIS B 54 -28.20 -1.24 8.97
N GLY B 55 -28.81 -2.38 8.66
CA GLY B 55 -28.67 -3.57 9.48
C GLY B 55 -28.97 -3.33 10.94
N GLN B 56 -28.07 -3.75 11.81
CA GLN B 56 -28.25 -3.59 13.25
CA GLN B 56 -28.24 -3.60 13.26
C GLN B 56 -27.44 -2.42 13.84
N SER B 57 -26.94 -1.54 12.99
CA SER B 57 -26.28 -0.32 13.43
C SER B 57 -27.31 0.75 13.79
N ASP B 58 -26.89 1.69 14.62
CA ASP B 58 -27.73 2.84 14.95
C ASP B 58 -28.03 3.71 13.74
N THR B 59 -29.11 4.45 13.85
CA THR B 59 -29.48 5.48 12.91
C THR B 59 -28.79 6.78 13.33
N VAL B 60 -28.27 7.50 12.34
CA VAL B 60 -27.64 8.80 12.54
C VAL B 60 -27.65 9.57 11.22
N GLU B 61 -27.72 10.89 11.30
CA GLU B 61 -27.72 11.72 10.10
CA GLU B 61 -27.73 11.74 10.11
C GLU B 61 -26.39 11.62 9.37
N VAL B 62 -26.43 11.28 8.08
CA VAL B 62 -25.23 11.16 7.25
C VAL B 62 -25.48 11.92 5.96
N ASN B 63 -24.63 12.93 5.70
CA ASN B 63 -24.83 13.83 4.59
CA ASN B 63 -24.80 13.88 4.61
C ASN B 63 -23.85 13.67 3.42
N SER B 64 -22.90 12.73 3.55
CA SER B 64 -21.93 12.51 2.49
C SER B 64 -21.34 11.13 2.57
N VAL B 65 -20.81 10.71 1.42
CA VAL B 65 -19.97 9.51 1.38
C VAL B 65 -18.78 9.63 2.34
N ASP B 66 -18.16 10.81 2.42
CA ASP B 66 -17.05 11.05 3.38
C ASP B 66 -17.42 10.70 4.81
N GLU B 67 -18.63 11.05 5.23
CA GLU B 67 -19.09 10.73 6.58
CA GLU B 67 -19.08 10.72 6.58
C GLU B 67 -19.21 9.21 6.80
N TYR B 68 -19.77 8.49 5.82
CA TYR B 68 -19.72 7.03 5.93
C TYR B 68 -18.29 6.48 5.98
N ALA B 69 -17.37 7.11 5.22
CA ALA B 69 -15.98 6.70 5.24
C ALA B 69 -15.34 6.89 6.61
N TYR B 70 -15.77 7.92 7.34
CA TYR B 70 -15.35 8.06 8.73
C TYR B 70 -15.79 6.90 9.62
N TYR B 71 -17.08 6.53 9.57
CA TYR B 71 -17.53 5.38 10.34
C TYR B 71 -16.84 4.10 9.94
N ALA B 72 -16.62 3.91 8.63
CA ALA B 72 -15.97 2.72 8.16
C ALA B 72 -14.52 2.66 8.64
N SER B 73 -13.81 3.78 8.53
CA SER B 73 -12.42 3.87 8.99
CA SER B 73 -12.41 3.79 8.98
C SER B 73 -12.27 3.57 10.49
N GLU B 74 -13.10 4.22 11.30
CA GLU B 74 -13.06 3.99 12.74
C GLU B 74 -13.39 2.54 13.09
N SER B 75 -14.37 1.97 12.36
CA SER B 75 -14.74 0.60 12.60
C SER B 75 -13.65 -0.40 12.22
N LEU B 76 -12.98 -0.14 11.09
CA LEU B 76 -11.89 -0.94 10.65
C LEU B 76 -10.77 -0.92 11.71
N LYS B 77 -10.43 0.28 12.13
CA LYS B 77 -9.37 0.44 13.15
C LYS B 77 -9.66 -0.36 14.42
N LYS B 78 -10.92 -0.38 14.84
CA LYS B 78 -11.34 -1.04 16.09
CA LYS B 78 -11.32 -1.04 16.10
C LYS B 78 -11.52 -2.55 15.98
N THR B 79 -11.55 -3.08 14.77
CA THR B 79 -11.75 -4.51 14.56
C THR B 79 -10.51 -5.24 14.05
N VAL B 80 -10.02 -4.82 12.89
CA VAL B 80 -8.91 -5.52 12.21
CA VAL B 80 -8.97 -5.50 12.17
C VAL B 80 -7.65 -4.69 12.17
N GLY B 81 -7.74 -3.39 12.46
CA GLY B 81 -6.56 -2.50 12.46
C GLY B 81 -6.18 -1.98 11.08
N LYS B 82 -5.85 -2.92 10.20
CA LYS B 82 -5.59 -2.65 8.78
CA LYS B 82 -5.64 -2.63 8.78
C LYS B 82 -6.24 -3.74 7.97
N ALA B 83 -6.63 -3.44 6.74
CA ALA B 83 -7.29 -4.46 5.94
C ALA B 83 -7.24 -4.17 4.47
N VAL B 84 -7.47 -5.22 3.69
CA VAL B 84 -7.92 -5.08 2.30
C VAL B 84 -9.38 -4.61 2.38
N VAL B 85 -9.66 -3.47 1.77
CA VAL B 85 -11.00 -2.87 1.83
C VAL B 85 -11.74 -3.20 0.56
N VAL B 86 -12.87 -3.88 0.70
CA VAL B 86 -13.72 -4.37 -0.40
C VAL B 86 -15.01 -3.57 -0.37
N GLY B 87 -15.29 -2.80 -1.40
CA GLY B 87 -16.49 -1.97 -1.43
C GLY B 87 -17.32 -2.21 -2.65
N HIS B 88 -18.63 -2.36 -2.45
CA HIS B 88 -19.60 -2.54 -3.54
C HIS B 88 -20.45 -1.29 -3.73
N SER B 89 -20.44 -0.72 -4.93
CA SER B 89 -21.31 0.40 -5.32
C SER B 89 -21.17 1.62 -4.40
N LEU B 90 -22.17 2.08 -3.66
CA LEU B 90 -21.96 3.05 -2.61
C LEU B 90 -20.77 2.69 -1.74
N GLY B 91 -20.65 1.41 -1.37
CA GLY B 91 -19.54 0.96 -0.56
C GLY B 91 -18.17 1.13 -1.23
N GLY B 92 -18.14 1.08 -2.55
CA GLY B 92 -16.91 1.37 -3.31
C GLY B 92 -16.58 2.84 -3.31
N ALA B 93 -17.58 3.71 -3.28
CA ALA B 93 -17.36 5.16 -3.09
C ALA B 93 -16.80 5.41 -1.68
N VAL B 94 -17.37 4.77 -0.68
CA VAL B 94 -16.91 4.82 0.68
C VAL B 94 -15.46 4.33 0.73
N ALA B 95 -15.16 3.21 0.09
CA ALA B 95 -13.80 2.69 0.08
C ALA B 95 -12.81 3.68 -0.52
N GLN B 96 -13.17 4.31 -1.63
CA GLN B 96 -12.28 5.31 -2.25
C GLN B 96 -12.01 6.45 -1.29
N LYS B 97 -13.04 7.00 -0.67
CA LYS B 97 -12.86 8.11 0.29
C LYS B 97 -12.10 7.66 1.52
N LEU B 98 -12.32 6.43 1.99
CA LEU B 98 -11.58 5.87 3.11
C LEU B 98 -10.06 5.81 2.80
N TYR B 99 -9.72 5.38 1.60
CA TYR B 99 -8.31 5.32 1.19
C TYR B 99 -7.71 6.72 1.13
N LEU B 100 -8.44 7.66 0.56
CA LEU B 100 -7.92 9.05 0.42
C LEU B 100 -7.72 9.73 1.79
N ARG B 101 -8.57 9.45 2.77
CA ARG B 101 -8.50 10.02 4.12
CA ARG B 101 -8.46 10.06 4.09
C ARG B 101 -7.54 9.28 5.05
N ASN B 102 -7.50 7.95 4.92
CA ASN B 102 -6.78 7.07 5.85
C ASN B 102 -6.01 5.98 5.09
N PRO B 103 -5.04 6.38 4.27
CA PRO B 103 -4.31 5.37 3.51
C PRO B 103 -3.53 4.39 4.38
N GLU B 104 -3.17 4.81 5.60
CA GLU B 104 -2.39 3.97 6.51
CA GLU B 104 -2.39 3.99 6.53
C GLU B 104 -3.06 2.68 6.97
N ILE B 105 -4.41 2.63 6.89
CA ILE B 105 -5.14 1.45 7.32
C ILE B 105 -5.52 0.53 6.17
N CYS B 106 -5.19 0.93 4.95
CA CYS B 106 -5.55 0.16 3.74
CA CYS B 106 -5.57 0.20 3.77
C CYS B 106 -4.38 -0.62 3.22
N LEU B 107 -4.51 -1.95 3.23
CA LEU B 107 -3.50 -2.81 2.66
C LEU B 107 -3.66 -2.90 1.13
N ALA B 108 -4.89 -2.76 0.66
CA ALA B 108 -5.23 -2.92 -0.77
C ALA B 108 -6.68 -2.51 -0.92
N LEU B 109 -7.13 -2.26 -2.16
CA LEU B 109 -8.51 -1.85 -2.43
C LEU B 109 -9.11 -2.83 -3.40
N VAL B 110 -10.35 -3.21 -3.16
CA VAL B 110 -11.14 -4.02 -4.10
C VAL B 110 -12.41 -3.21 -4.42
N LEU B 111 -12.54 -2.78 -5.65
CA LEU B 111 -13.62 -1.93 -6.08
C LEU B 111 -14.57 -2.80 -6.88
N VAL B 112 -15.78 -3.03 -6.35
CA VAL B 112 -16.74 -3.97 -6.95
C VAL B 112 -17.99 -3.20 -7.38
N GLY B 113 -18.36 -3.32 -8.64
CA GLY B 113 -19.62 -2.66 -9.10
C GLY B 113 -19.75 -1.24 -8.61
N THR B 114 -18.77 -0.41 -8.93
CA THR B 114 -18.72 0.94 -8.43
C THR B 114 -18.20 1.88 -9.50
N GLY B 115 -17.83 3.09 -9.10
CA GLY B 115 -17.42 4.10 -10.07
C GLY B 115 -16.81 5.29 -9.39
N ALA B 116 -16.13 6.07 -10.23
CA ALA B 116 -15.60 7.37 -9.78
C ALA B 116 -16.66 8.46 -9.67
N ARG B 117 -17.83 8.21 -10.24
CA ARG B 117 -19.00 9.09 -10.18
C ARG B 117 -20.21 8.15 -10.25
N LEU B 118 -21.21 8.43 -9.43
CA LEU B 118 -22.33 7.48 -9.25
C LEU B 118 -23.68 8.17 -9.41
N ARG B 119 -23.82 8.94 -10.47
CA ARG B 119 -25.12 9.48 -10.84
C ARG B 119 -26.14 8.35 -10.93
N VAL B 120 -27.35 8.63 -10.44
CA VAL B 120 -28.42 7.63 -10.41
C VAL B 120 -29.48 7.99 -11.44
N LEU B 121 -29.92 7.03 -12.21
CA LEU B 121 -30.99 7.23 -13.18
C LEU B 121 -32.17 7.93 -12.50
N PRO B 122 -32.63 9.08 -13.02
CA PRO B 122 -33.76 9.75 -12.40
C PRO B 122 -35.03 8.90 -12.23
N GLU B 123 -35.25 8.01 -13.20
CA GLU B 123 -36.40 7.09 -13.11
C GLU B 123 -36.32 6.21 -11.88
N ILE B 124 -35.12 5.94 -11.33
CA ILE B 124 -34.99 5.31 -10.05
C ILE B 124 -35.09 6.33 -8.93
N LEU B 125 -34.18 7.33 -8.91
CA LEU B 125 -34.05 8.20 -7.74
C LEU B 125 -35.30 9.08 -7.47
N GLU B 126 -35.82 9.70 -8.54
CA GLU B 126 -37.04 10.53 -8.42
CA GLU B 126 -37.01 10.55 -8.46
C GLU B 126 -38.26 9.64 -8.46
N GLY B 127 -38.16 8.48 -9.11
CA GLY B 127 -39.30 7.53 -9.17
C GLY B 127 -39.72 6.98 -7.86
N LEU B 128 -38.80 6.88 -6.89
CA LEU B 128 -39.03 6.27 -5.55
C LEU B 128 -40.20 7.00 -4.89
N LYS B 129 -40.37 8.31 -5.11
CA LYS B 129 -41.47 9.01 -4.46
C LYS B 129 -42.90 8.62 -4.90
N LYS B 130 -43.22 8.74 -6.18
CA LYS B 130 -44.59 8.48 -6.65
C LYS B 130 -44.83 7.02 -6.93
N GLU B 131 -43.78 6.27 -7.29
CA GLU B 131 -43.93 4.93 -7.81
CA GLU B 131 -43.96 4.90 -7.77
C GLU B 131 -42.80 4.03 -7.25
N PRO B 132 -42.77 3.86 -5.93
CA PRO B 132 -41.66 3.09 -5.36
C PRO B 132 -41.53 1.67 -5.89
N GLU B 133 -42.61 0.93 -6.11
CA GLU B 133 -42.47 -0.41 -6.66
CA GLU B 133 -42.48 -0.42 -6.69
C GLU B 133 -41.81 -0.36 -8.04
N LYS B 134 -42.24 0.56 -8.90
CA LYS B 134 -41.70 0.64 -10.25
CA LYS B 134 -41.70 0.64 -10.26
C LYS B 134 -40.23 1.00 -10.22
N ALA B 135 -39.85 1.92 -9.33
CA ALA B 135 -38.46 2.36 -9.22
C ALA B 135 -37.57 1.24 -8.68
N VAL B 136 -38.02 0.55 -7.64
CA VAL B 136 -37.30 -0.61 -7.12
C VAL B 136 -37.15 -1.68 -8.18
N ASP B 137 -38.22 -2.01 -8.89
CA ASP B 137 -38.13 -3.03 -9.92
C ASP B 137 -37.22 -2.66 -11.05
N LEU B 138 -37.19 -1.38 -11.40
CA LEU B 138 -36.27 -0.90 -12.43
C LEU B 138 -34.84 -1.08 -11.95
N MET B 139 -34.55 -0.62 -10.76
CA MET B 139 -33.20 -0.79 -10.21
C MET B 139 -32.79 -2.27 -10.20
N LEU B 140 -33.68 -3.15 -9.74
CA LEU B 140 -33.30 -4.55 -9.64
C LEU B 140 -33.18 -5.17 -11.01
N SER B 141 -33.90 -4.72 -12.03
CA SER B 141 -33.71 -5.19 -13.37
C SER B 141 -32.32 -4.88 -13.94
N MET B 142 -31.69 -3.83 -13.38
CA MET B 142 -30.36 -3.39 -13.80
C MET B 142 -29.26 -3.94 -12.91
N ALA B 143 -29.66 -4.71 -11.91
CA ALA B 143 -28.78 -5.25 -10.86
C ALA B 143 -28.61 -6.76 -10.84
N PHE B 144 -29.56 -7.50 -11.45
CA PHE B 144 -29.56 -8.95 -11.46
C PHE B 144 -29.69 -9.44 -12.86
N ALA B 145 -28.95 -10.50 -13.18
CA ALA B 145 -29.04 -11.14 -14.48
C ALA B 145 -30.28 -12.07 -14.54
N SER B 146 -30.78 -12.51 -13.38
CA SER B 146 -31.95 -13.39 -13.29
CA SER B 146 -31.95 -13.37 -13.30
C SER B 146 -32.79 -13.13 -12.04
N LYS B 147 -34.07 -13.47 -12.10
N LYS B 147 -34.01 -13.66 -12.05
CA LYS B 147 -34.90 -13.48 -10.89
CA LYS B 147 -35.00 -13.49 -10.98
C LYS B 147 -34.56 -14.75 -10.14
C LYS B 147 -35.19 -14.74 -10.11
N GLY B 148 -35.20 -14.97 -9.00
N GLY B 148 -34.26 -14.99 -9.21
CA GLY B 148 -34.79 -16.06 -8.11
CA GLY B 148 -34.38 -16.09 -8.25
C GLY B 148 -34.63 -15.56 -6.72
C GLY B 148 -34.53 -15.58 -6.82
N GLU B 149 -34.10 -16.40 -5.85
CA GLU B 149 -34.13 -16.09 -4.46
C GLU B 149 -33.34 -14.84 -4.11
N GLU B 150 -32.16 -14.64 -4.72
CA GLU B 150 -31.34 -13.46 -4.36
C GLU B 150 -32.08 -12.18 -4.77
N TYR B 151 -32.66 -12.20 -5.95
CA TYR B 151 -33.50 -11.08 -6.42
C TYR B 151 -34.66 -10.85 -5.43
N GLU B 152 -35.38 -11.91 -5.06
CA GLU B 152 -36.52 -11.70 -4.19
CA GLU B 152 -36.52 -11.78 -4.13
C GLU B 152 -36.12 -11.20 -2.81
N LYS B 153 -35.01 -11.69 -2.26
CA LYS B 153 -34.51 -11.20 -0.99
CA LYS B 153 -34.50 -11.21 -1.00
C LYS B 153 -34.22 -9.70 -1.07
N LYS B 154 -33.51 -9.29 -2.11
CA LYS B 154 -33.14 -7.88 -2.23
CA LYS B 154 -33.13 -7.87 -2.24
C LYS B 154 -34.36 -7.01 -2.46
N ARG B 155 -35.32 -7.51 -3.22
CA ARG B 155 -36.58 -6.76 -3.46
C ARG B 155 -37.29 -6.50 -2.13
N ARG B 156 -37.39 -7.51 -1.26
CA ARG B 156 -38.03 -7.30 0.02
CA ARG B 156 -38.01 -7.36 0.07
C ARG B 156 -37.26 -6.32 0.88
N GLU B 157 -35.94 -6.42 0.84
CA GLU B 157 -35.11 -5.51 1.59
CA GLU B 157 -35.07 -5.52 1.56
C GLU B 157 -35.28 -4.07 1.10
N PHE B 158 -35.28 -3.86 -0.21
CA PHE B 158 -35.43 -2.51 -0.78
C PHE B 158 -36.78 -1.91 -0.46
N LEU B 159 -37.85 -2.70 -0.56
CA LEU B 159 -39.17 -2.16 -0.20
C LEU B 159 -39.31 -1.89 1.27
N ASP B 160 -38.76 -2.76 2.10
CA ASP B 160 -38.84 -2.60 3.54
C ASP B 160 -38.07 -1.35 3.98
N ARG B 161 -37.00 -1.01 3.24
CA ARG B 161 -36.01 0.02 3.57
CA ARG B 161 -36.07 0.05 3.66
C ARG B 161 -36.01 1.14 2.56
N VAL B 162 -37.14 1.43 1.94
CA VAL B 162 -37.12 2.33 0.82
CA VAL B 162 -37.15 2.37 0.81
C VAL B 162 -36.62 3.74 1.19
N ASP B 163 -36.92 4.22 2.40
CA ASP B 163 -36.44 5.54 2.82
C ASP B 163 -34.90 5.59 2.88
N VAL B 164 -34.29 4.58 3.47
CA VAL B 164 -32.82 4.50 3.51
C VAL B 164 -32.23 4.27 2.13
N LEU B 165 -32.87 3.46 1.28
CA LEU B 165 -32.42 3.32 -0.09
C LEU B 165 -32.35 4.67 -0.78
N HIS B 166 -33.41 5.50 -0.63
CA HIS B 166 -33.40 6.80 -1.30
CA HIS B 166 -33.46 6.83 -1.22
C HIS B 166 -32.31 7.71 -0.73
N LEU B 167 -32.10 7.69 0.58
CA LEU B 167 -31.04 8.51 1.17
C LEU B 167 -29.69 8.10 0.63
N ASP B 168 -29.44 6.78 0.60
CA ASP B 168 -28.16 6.25 0.12
C ASP B 168 -27.94 6.59 -1.35
N LEU B 169 -28.95 6.44 -2.20
CA LEU B 169 -28.83 6.77 -3.60
C LEU B 169 -28.62 8.26 -3.82
N SER B 170 -29.24 9.09 -3.00
CA SER B 170 -29.00 10.53 -3.07
CA SER B 170 -29.00 10.53 -3.07
C SER B 170 -27.52 10.85 -2.78
N LEU B 171 -26.90 10.13 -1.86
CA LEU B 171 -25.45 10.30 -1.61
C LEU B 171 -24.62 9.85 -2.78
N CYS B 172 -24.98 8.73 -3.39
CA CYS B 172 -24.32 8.32 -4.63
C CYS B 172 -24.41 9.36 -5.73
N ASP B 173 -25.60 9.94 -5.90
CA ASP B 173 -25.86 10.86 -6.98
C ASP B 173 -24.98 12.12 -6.86
N ARG B 174 -24.54 12.44 -5.65
CA ARG B 174 -23.66 13.59 -5.40
CA ARG B 174 -23.66 13.59 -5.36
C ARG B 174 -22.18 13.21 -5.32
N PHE B 175 -21.84 11.93 -5.45
CA PHE B 175 -20.45 11.48 -5.39
C PHE B 175 -19.78 11.64 -6.73
N ASP B 176 -18.61 12.32 -6.72
CA ASP B 176 -17.89 12.63 -7.94
C ASP B 176 -16.40 12.87 -7.71
N LEU B 177 -15.59 11.91 -8.11
CA LEU B 177 -14.11 11.99 -8.19
C LEU B 177 -13.65 11.90 -9.64
N LEU B 178 -14.52 12.01 -10.62
CA LEU B 178 -14.21 11.66 -12.01
C LEU B 178 -13.05 12.49 -12.58
N GLU B 179 -13.13 13.82 -12.48
CA GLU B 179 -12.12 14.65 -13.07
CA GLU B 179 -12.12 14.73 -13.04
C GLU B 179 -10.77 14.48 -12.38
N ASP B 180 -10.77 14.25 -11.07
CA ASP B 180 -9.52 13.97 -10.33
C ASP B 180 -8.81 12.71 -10.82
N TYR B 181 -9.57 11.69 -11.17
CA TYR B 181 -8.94 10.57 -11.85
C TYR B 181 -8.52 10.93 -13.28
N ARG B 182 -9.40 11.58 -14.05
CA ARG B 182 -9.14 11.89 -15.46
CA ARG B 182 -9.15 11.86 -15.45
C ARG B 182 -7.88 12.73 -15.66
N ASN B 183 -7.69 13.71 -14.78
CA ASN B 183 -6.56 14.64 -14.92
C ASN B 183 -5.27 14.18 -14.24
N GLY B 184 -5.30 12.97 -13.71
CA GLY B 184 -4.10 12.32 -13.20
C GLY B 184 -3.70 12.71 -11.81
N LYS B 185 -4.51 13.53 -11.12
CA LYS B 185 -4.11 13.99 -9.78
CA LYS B 185 -4.22 14.01 -9.75
C LYS B 185 -4.30 12.89 -8.72
N LEU B 186 -5.35 12.09 -8.84
CA LEU B 186 -5.66 11.08 -7.80
C LEU B 186 -4.85 9.85 -8.06
N LYS B 187 -3.99 9.52 -7.10
CA LYS B 187 -3.07 8.43 -7.21
C LYS B 187 -3.36 7.43 -6.08
N ILE B 188 -3.47 6.16 -6.46
CA ILE B 188 -3.73 5.07 -5.54
CA ILE B 188 -3.67 5.09 -5.51
C ILE B 188 -2.41 4.27 -5.44
N GLY B 189 -1.81 4.25 -4.26
CA GLY B 189 -0.52 3.63 -4.04
C GLY B 189 -0.54 2.18 -3.66
N VAL B 190 -1.72 1.65 -3.30
CA VAL B 190 -1.85 0.26 -2.86
C VAL B 190 -2.34 -0.61 -4.01
N PRO B 191 -2.06 -1.93 -3.96
CA PRO B 191 -2.63 -2.83 -4.95
C PRO B 191 -4.16 -2.71 -5.00
N THR B 192 -4.70 -2.78 -6.22
CA THR B 192 -6.14 -2.60 -6.46
C THR B 192 -6.67 -3.70 -7.37
N LEU B 193 -7.83 -4.21 -7.03
CA LEU B 193 -8.58 -5.17 -7.81
C LEU B 193 -9.92 -4.56 -8.15
N VAL B 194 -10.30 -4.61 -9.43
CA VAL B 194 -11.55 -4.02 -9.90
C VAL B 194 -12.39 -5.16 -10.44
N ILE B 195 -13.61 -5.33 -9.93
CA ILE B 195 -14.48 -6.49 -10.27
C ILE B 195 -15.85 -5.97 -10.71
N VAL B 196 -16.36 -6.48 -11.82
CA VAL B 196 -17.72 -6.12 -12.26
C VAL B 196 -18.35 -7.35 -12.88
N GLY B 197 -19.65 -7.51 -12.69
CA GLY B 197 -20.44 -8.50 -13.44
C GLY B 197 -20.62 -8.00 -14.86
N GLU B 198 -20.45 -8.89 -15.83
CA GLU B 198 -20.51 -8.52 -17.24
C GLU B 198 -21.82 -7.77 -17.62
N GLU B 199 -22.93 -8.11 -16.97
CA GLU B 199 -24.26 -7.59 -17.33
CA GLU B 199 -24.25 -7.60 -17.34
C GLU B 199 -24.67 -6.37 -16.51
N ASP B 200 -23.78 -5.86 -15.66
CA ASP B 200 -24.13 -4.79 -14.73
C ASP B 200 -24.55 -3.52 -15.49
N LYS B 201 -25.78 -3.04 -15.23
CA LYS B 201 -26.27 -1.83 -15.90
CA LYS B 201 -26.32 -1.84 -15.87
C LYS B 201 -26.30 -0.65 -14.94
N LEU B 202 -26.10 -0.85 -13.64
CA LEU B 202 -26.02 0.26 -12.70
C LEU B 202 -24.62 0.88 -12.69
N THR B 203 -23.60 0.04 -12.73
CA THR B 203 -22.19 0.48 -12.80
C THR B 203 -21.56 -0.36 -13.89
N PRO B 204 -21.71 0.05 -15.15
CA PRO B 204 -21.31 -0.81 -16.24
C PRO B 204 -19.80 -1.02 -16.42
N LEU B 205 -19.47 -1.87 -17.39
CA LEU B 205 -18.08 -2.16 -17.72
C LEU B 205 -17.25 -0.89 -17.87
N LYS B 206 -17.76 0.11 -18.58
CA LYS B 206 -16.96 1.30 -18.83
CA LYS B 206 -17.07 1.38 -18.80
C LYS B 206 -16.51 1.99 -17.52
N TYR B 207 -17.27 1.92 -16.43
CA TYR B 207 -16.85 2.51 -15.16
C TYR B 207 -15.59 1.80 -14.62
N HIS B 208 -15.51 0.50 -14.90
CA HIS B 208 -14.46 -0.34 -14.38
C HIS B 208 -13.24 -0.30 -15.26
N GLU B 209 -13.44 -0.23 -16.57
CA GLU B 209 -12.31 0.07 -17.46
CA GLU B 209 -12.34 0.07 -17.50
C GLU B 209 -11.73 1.43 -17.15
N PHE B 210 -12.55 2.39 -16.76
CA PHE B 210 -12.06 3.68 -16.36
C PHE B 210 -11.12 3.54 -15.18
N PHE B 211 -11.51 2.84 -14.12
CA PHE B 211 -10.60 2.61 -13.00
C PHE B 211 -9.31 1.90 -13.46
N HIS B 212 -9.44 0.88 -14.29
CA HIS B 212 -8.29 0.14 -14.75
C HIS B 212 -7.30 1.00 -15.51
N LYS B 213 -7.80 1.91 -16.32
CA LYS B 213 -6.96 2.85 -17.08
CA LYS B 213 -6.94 2.84 -17.08
C LYS B 213 -6.28 3.86 -16.18
N HIS B 214 -6.98 4.33 -15.14
CA HIS B 214 -6.51 5.43 -14.28
C HIS B 214 -5.88 4.98 -12.94
N ILE B 215 -5.82 3.67 -12.69
CA ILE B 215 -5.13 3.10 -11.54
C ILE B 215 -4.15 2.10 -12.14
N PRO B 216 -2.94 2.52 -12.49
CA PRO B 216 -2.00 1.55 -13.10
C PRO B 216 -1.71 0.31 -12.24
N ASN B 217 -1.73 0.52 -10.93
CA ASN B 217 -1.63 -0.51 -9.86
C ASN B 217 -2.89 -1.42 -9.79
N SER B 218 -3.63 -1.65 -10.89
CA SER B 218 -4.90 -2.41 -10.82
C SER B 218 -5.02 -3.55 -11.79
N GLU B 219 -5.85 -4.52 -11.42
CA GLU B 219 -6.24 -5.64 -12.28
CA GLU B 219 -6.23 -5.62 -12.30
C GLU B 219 -7.74 -5.59 -12.40
N LEU B 220 -8.26 -5.90 -13.58
CA LEU B 220 -9.70 -5.90 -13.87
C LEU B 220 -10.19 -7.32 -14.08
N VAL B 221 -11.26 -7.70 -13.39
CA VAL B 221 -11.90 -8.98 -13.55
C VAL B 221 -13.36 -8.76 -13.89
N VAL B 222 -13.79 -9.27 -15.05
CA VAL B 222 -15.19 -9.20 -15.49
C VAL B 222 -15.74 -10.60 -15.33
N ILE B 223 -16.84 -10.74 -14.61
CA ILE B 223 -17.45 -12.05 -14.32
C ILE B 223 -18.67 -12.28 -15.21
N PRO B 224 -18.61 -13.25 -16.15
CA PRO B 224 -19.77 -13.51 -16.98
C PRO B 224 -20.98 -14.02 -16.21
N GLY B 225 -22.17 -13.70 -16.74
CA GLY B 225 -23.42 -14.20 -16.18
C GLY B 225 -23.87 -13.54 -14.88
N ALA B 226 -23.21 -12.45 -14.50
CA ALA B 226 -23.58 -11.71 -13.30
C ALA B 226 -23.81 -10.27 -13.71
N SER B 227 -24.67 -9.62 -12.94
CA SER B 227 -24.89 -8.20 -13.09
C SER B 227 -24.24 -7.47 -11.91
N HIS B 228 -24.89 -6.44 -11.38
CA HIS B 228 -24.37 -5.65 -10.31
C HIS B 228 -24.13 -6.41 -9.04
N MET B 229 -24.99 -7.40 -8.72
CA MET B 229 -24.89 -8.14 -7.47
C MET B 229 -23.99 -9.38 -7.60
N VAL B 230 -22.81 -9.18 -8.16
CA VAL B 230 -21.90 -10.24 -8.57
C VAL B 230 -21.45 -11.10 -7.40
N MET B 231 -21.28 -10.55 -6.23
CA MET B 231 -20.85 -11.32 -5.05
C MET B 231 -21.91 -12.30 -4.55
N LEU B 232 -23.17 -12.05 -4.90
CA LEU B 232 -24.31 -12.94 -4.57
C LEU B 232 -24.67 -13.82 -5.75
N GLU B 233 -24.55 -13.34 -6.98
CA GLU B 233 -25.00 -14.08 -8.15
C GLU B 233 -24.01 -15.13 -8.63
N LYS B 234 -22.72 -14.83 -8.51
CA LYS B 234 -21.63 -15.71 -8.94
C LYS B 234 -20.61 -15.74 -7.81
N HIS B 235 -21.02 -16.16 -6.64
CA HIS B 235 -20.14 -16.04 -5.47
C HIS B 235 -18.89 -16.87 -5.56
N VAL B 236 -18.95 -18.02 -6.23
CA VAL B 236 -17.78 -18.88 -6.32
C VAL B 236 -16.72 -18.21 -7.21
N GLU B 237 -17.14 -17.66 -8.34
CA GLU B 237 -16.23 -16.97 -9.23
CA GLU B 237 -16.24 -16.98 -9.26
C GLU B 237 -15.69 -15.70 -8.61
N PHE B 238 -16.55 -14.99 -7.89
CA PHE B 238 -16.15 -13.78 -7.15
C PHE B 238 -15.11 -14.15 -6.11
N ASN B 239 -15.38 -15.18 -5.32
CA ASN B 239 -14.45 -15.59 -4.27
C ASN B 239 -13.14 -16.06 -4.83
N GLU B 240 -13.15 -16.77 -5.96
CA GLU B 240 -11.89 -17.20 -6.56
CA GLU B 240 -11.91 -17.20 -6.62
C GLU B 240 -11.02 -15.99 -6.92
N ALA B 241 -11.62 -14.96 -7.50
CA ALA B 241 -10.88 -13.77 -7.88
C ALA B 241 -10.34 -13.04 -6.67
N LEU B 242 -11.18 -12.88 -5.67
CA LEU B 242 -10.78 -12.21 -4.46
C LEU B 242 -9.67 -12.98 -3.76
N GLU B 243 -9.81 -14.30 -3.63
CA GLU B 243 -8.78 -15.11 -2.95
CA GLU B 243 -8.78 -15.08 -2.94
C GLU B 243 -7.43 -15.03 -3.65
N LYS B 244 -7.43 -15.07 -4.98
CA LYS B 244 -6.19 -14.94 -5.75
C LYS B 244 -5.50 -13.61 -5.40
N PHE B 245 -6.27 -12.54 -5.30
CA PHE B 245 -5.73 -11.22 -4.99
C PHE B 245 -5.24 -11.14 -3.54
N LEU B 246 -5.98 -11.73 -2.61
CA LEU B 246 -5.55 -11.75 -1.23
C LEU B 246 -4.24 -12.52 -1.04
N LYS B 247 -4.08 -13.62 -1.76
CA LYS B 247 -2.79 -14.32 -1.77
C LYS B 247 -1.67 -13.42 -2.30
N LYS B 248 -1.93 -12.69 -3.37
CA LYS B 248 -0.94 -11.78 -3.97
C LYS B 248 -0.48 -10.72 -2.97
N VAL B 249 -1.39 -10.17 -2.19
CA VAL B 249 -1.04 -9.13 -1.22
C VAL B 249 -0.55 -9.70 0.12
N GLY B 250 -0.63 -11.02 0.33
CA GLY B 250 -0.11 -11.65 1.54
C GLY B 250 -1.05 -11.69 2.72
N VAL B 251 -2.36 -11.59 2.47
CA VAL B 251 -3.31 -11.59 3.54
C VAL B 251 -3.81 -13.03 3.65
N ALA B 252 -3.44 -13.76 4.71
CA ALA B 252 -3.79 -15.18 4.84
C ALA B 252 -4.86 -15.40 5.89
N1A COA C . 8.82 -10.48 4.64
C2A COA C . 7.75 -11.29 4.78
N3A COA C . 7.87 -12.62 4.72
C4A COA C . 9.07 -13.21 4.52
C5A COA C . 10.27 -12.41 4.36
C6A COA C . 10.08 -10.96 4.45
N6A COA C . 11.14 -10.15 4.30
N7A COA C . 11.31 -13.21 4.15
C8A COA C . 10.82 -14.47 4.22
N9A COA C . 9.48 -14.44 4.43
C1B COA C . 8.62 -15.64 4.52
C2B COA C . 8.51 -16.22 3.14
O2B COA C . 7.48 -15.56 2.41
C3B COA C . 8.27 -17.69 3.45
O3B COA C . 6.89 -17.89 3.73
P3B COA C . 6.06 -19.14 3.14
O7A COA C . 6.77 -20.31 3.81
O8A COA C . 6.24 -19.04 1.64
O9A COA C . 4.64 -18.88 3.60
C4B COA C . 9.08 -17.92 4.71
O4B COA C . 9.23 -16.62 5.33
C5B COA C . 10.46 -18.54 4.49
O5B COA C . 11.20 -17.71 3.58
P1A COA C . 12.80 -17.56 3.71
O1A COA C . 13.21 -17.36 5.11
O2A COA C . 13.16 -16.47 2.70
O3A COA C . 13.46 -18.95 3.27
P2A COA C . 13.21 -19.85 1.96
O4A COA C . 14.26 -20.93 2.14
O5A COA C . 11.74 -20.14 1.82
O6A COA C . 13.55 -18.95 0.67
CBP COA C . 14.82 -17.72 -0.90
CCP COA C . 14.87 -18.49 0.41
CDP COA C . 16.22 -17.15 -1.17
CEP COA C . 14.42 -18.68 -2.03
CAP COA C . 13.79 -16.57 -0.76
OAP COA C . 14.09 -15.76 0.41
C9P COA C . 13.73 -15.69 -1.99
O9P COA C . 13.28 -16.12 -3.03
N8P COA C . 14.17 -14.43 -1.85
C7P COA C . 14.04 -13.40 -2.89
C6P COA C . 15.23 -13.30 -3.83
C5P COA C . 16.52 -12.73 -3.29
O5P COA C . 17.59 -13.33 -3.47
N4P COA C . 16.46 -11.54 -2.68
C3P COA C . 17.63 -10.84 -2.22
C2P COA C . 17.30 -10.07 -0.96
S1P COA C . 18.72 -9.07 -0.50
CL CL D . 21.03 -5.32 -1.23
C1 PGE E . -36.27 3.91 -17.80
O1 PGE E . -37.47 3.14 -17.69
C2 PGE E . -36.57 5.09 -18.72
O2 PGE E . -35.39 5.83 -18.99
C3 PGE E . -35.65 7.10 -19.60
C4 PGE E . -36.15 6.98 -21.02
O4 PGE E . -40.35 6.67 -21.43
C6 PGE E . -39.41 6.46 -22.50
C5 PGE E . -38.17 7.30 -22.28
O3 PGE E . -37.58 6.96 -21.02
CAC FLC F . -46.89 -8.81 -3.05
CA FLC F . -45.81 -8.78 -1.98
CB FLC F . -44.69 -9.85 -2.15
CBC FLC F . -43.76 -9.67 -0.97
CG FLC F . -44.00 -9.71 -3.51
CGC FLC F . -42.77 -10.60 -3.67
OA1 FLC F . -47.82 -9.67 -3.01
OA2 FLC F . -46.87 -7.95 -3.95
OB1 FLC F . -43.00 -8.68 -1.00
OB2 FLC F . -43.79 -10.44 0.03
OG1 FLC F . -42.43 -11.40 -2.75
OG2 FLC F . -42.11 -10.49 -4.74
OHB FLC F . -45.26 -11.17 -2.08
N1A COA G . -16.76 6.29 -14.92
C2A COA G . -16.41 6.66 -16.16
N3A COA G . -17.10 7.58 -16.87
C4A COA G . -18.17 8.12 -16.28
C5A COA G . -18.57 7.76 -14.94
C6A COA G . -17.81 6.74 -14.23
N6A COA G . -18.14 6.36 -12.99
N7A COA G . -19.67 8.46 -14.60
C8A COA G . -19.94 9.23 -15.67
N9A COA G . -19.04 9.05 -16.68
C1B COA G . -19.07 9.70 -18.00
C2B COA G . -20.24 9.17 -18.81
O2B COA G . -19.92 7.96 -19.52
C3B COA G . -20.55 10.38 -19.68
O3B COA G . -19.65 10.33 -20.79
P3B COA G . -20.13 10.76 -22.28
O7A COA G . -21.14 9.71 -22.67
O8A COA G . -20.79 12.10 -22.04
O9A COA G . -18.83 10.79 -23.04
C4B COA G . -20.19 11.53 -18.78
O4B COA G . -19.24 11.09 -17.80
C5B COA G . -21.37 12.16 -18.00
O5B COA G . -22.03 11.13 -17.26
P1A COA G . -22.98 11.45 -16.06
O1A COA G . -23.32 10.09 -15.38
O2A COA G . -22.37 12.44 -15.15
O3A COA G . -24.37 12.08 -16.71
P2A COA G . -25.22 11.62 -17.93
O4A COA G . -24.45 11.27 -19.11
O5A COA G . -26.32 12.67 -18.02
O6A COA G . -25.85 10.22 -17.36
CBP COA G . -27.20 8.76 -16.07
CCP COA G . -26.70 10.21 -16.22
CDP COA G . -27.93 8.72 -14.74
CEP COA G . -28.09 8.41 -17.26
CAP COA G . -25.99 7.82 -16.05
OAP COA G . -25.14 8.24 -14.97
C9P COA G . -26.35 6.37 -15.87
O9P COA G . -26.86 5.76 -16.78
N8P COA G . -26.00 5.86 -14.69
C7P COA G . -26.05 4.39 -14.44
C6P COA G . -27.37 3.88 -13.84
C5P COA G . -27.52 4.13 -12.37
O5P COA G . -28.57 4.56 -11.88
N4P COA G . -26.52 3.80 -11.56
C3P COA G . -26.58 3.81 -10.12
C2P COA G . -25.25 4.25 -9.50
S1P COA G . -25.28 4.19 -7.71
CL CL H . -25.32 1.67 -4.33
C1 PEG I . -3.90 11.08 -17.09
O1 PEG I . -3.41 10.71 -15.81
C2 PEG I . -3.54 12.54 -17.38
O2 PEG I . -3.87 12.80 -18.74
C3 PEG I . -4.44 14.10 -18.97
C4 PEG I . -4.63 14.32 -20.48
O4 PEG I . -5.39 13.25 -21.05
#